data_8QFI
#
_entry.id   8QFI
#
_cell.length_a   54.300
_cell.length_b   145.800
_cell.length_c   105.300
_cell.angle_alpha   90.000
_cell.angle_beta   90.000
_cell.angle_gamma   90.000
#
_symmetry.space_group_name_H-M   'C 2 2 21'
#
loop_
_entity.id
_entity.type
_entity.pdbx_description
1 polymer 'Family 3 adenylate cyclase'
2 non-polymer 'FLAVIN MONONUCLEOTIDE'
3 non-polymer "ADENOSINE-5'-TRIPHOSPHATE"
4 non-polymer 'MAGNESIUM ION'
5 water water
#
_entity_poly.entity_id   1
_entity_poly.type   'polypeptide(L)'
_entity_poly.pdbx_seq_one_letter_code
;MKRLTYISKFSRPLSGDEIEAIGRISSQKNQQANVTGVLLCLDGIFFQILEGEAEKIDRIYERILADERHTDILCLKSEV
EVQERMFPDWSMQTINLDENTDFLIRPIKVLLQTLTESHRILEKYTQPSIFKIISQGTNPLNIRPKAVEKIVFFSDIVSF
STFAEKLPVEEVVSVVNSYFSVCTAIITRQGGEVTKFIGDCVMAYFDGDCADQAIQASLDILMELEILRNSAPEGSPLRV
LYSGIGLAKGKVIEGNIGSELKRDYTILGDAVNVAARLEALTRQLSQALVFSSEVKNSATKSWNFIWLTDSELKGKSESI
DIYSIDNEMTRKSSGGLEIARNIGHYLERV
;
_entity_poly.pdbx_strand_id   A
#
loop_
_chem_comp.id
_chem_comp.type
_chem_comp.name
_chem_comp.formula
ATP non-polymer ADENOSINE-5'-TRIPHOSPHATE 'C10 H16 N5 O13 P3'
FMN non-polymer 'FLAVIN MONONUCLEOTIDE' 'C17 H21 N4 O9 P'
MG non-polymer 'MAGNESIUM ION' 'Mg 2'
#
# COMPACT_ATOMS: atom_id res chain seq x y z
N MET A 1 14.05 24.63 -4.26
CA MET A 1 13.09 24.72 -3.12
C MET A 1 12.03 23.62 -3.26
N LYS A 2 11.58 23.09 -2.12
CA LYS A 2 10.54 22.06 -2.08
C LYS A 2 9.37 22.58 -1.26
N ARG A 3 8.14 22.39 -1.75
CA ARG A 3 6.93 22.70 -0.99
C ARG A 3 6.17 21.41 -0.76
N LEU A 4 5.76 21.21 0.49
CA LEU A 4 5.14 19.97 0.93
C LEU A 4 3.80 20.26 1.59
N THR A 5 2.76 19.59 1.13
CA THR A 5 1.43 19.68 1.70
C THR A 5 1.01 18.30 2.20
N TYR A 6 0.39 18.24 3.38
CA TYR A 6 -0.04 16.97 3.96
C TYR A 6 -1.22 17.23 4.89
N ILE A 7 -1.84 16.12 5.31
CA ILE A 7 -2.97 16.14 6.23
C ILE A 7 -2.83 14.97 7.19
N SER A 8 -3.34 15.13 8.41
CA SER A 8 -3.25 14.07 9.39
C SER A 8 -4.43 14.18 10.32
N LYS A 9 -4.61 13.15 11.15
CA LYS A 9 -5.69 13.08 12.12
C LYS A 9 -5.13 13.26 13.53
N PHE A 10 -5.90 13.93 14.38
CA PHE A 10 -5.53 14.04 15.79
C PHE A 10 -5.45 12.65 16.42
N SER A 11 -4.27 12.29 16.90
N SER A 11 -4.27 12.28 16.90
CA SER A 11 -4.12 11.01 17.62
CA SER A 11 -4.12 11.01 17.62
C SER A 11 -4.88 11.02 18.94
C SER A 11 -4.87 11.02 18.95
N ARG A 12 -5.15 12.20 19.51
CA ARG A 12 -5.86 12.34 20.76
C ARG A 12 -6.49 13.72 20.81
N PRO A 13 -7.54 13.89 21.59
CA PRO A 13 -8.14 15.23 21.71
C PRO A 13 -7.11 16.26 22.17
N LEU A 14 -6.90 17.29 21.35
CA LEU A 14 -5.98 18.37 21.67
C LEU A 14 -6.77 19.64 21.99
N SER A 15 -6.31 20.37 23.00
CA SER A 15 -6.93 21.66 23.30
C SER A 15 -6.34 22.73 22.40
N GLY A 16 -7.08 23.84 22.28
CA GLY A 16 -6.56 24.99 21.56
C GLY A 16 -5.24 25.50 22.12
N ASP A 17 -4.94 25.16 23.38
CA ASP A 17 -3.67 25.55 24.00
C ASP A 17 -2.50 24.67 23.50
N GLU A 18 -2.72 23.34 23.43
CA GLU A 18 -1.68 22.43 22.95
C GLU A 18 -1.35 22.72 21.50
N ILE A 19 -2.37 23.07 20.72
CA ILE A 19 -2.13 23.40 19.32
C ILE A 19 -1.23 24.62 19.23
N GLU A 20 -1.59 25.69 19.95
CA GLU A 20 -0.77 26.90 19.97
C GLU A 20 0.66 26.59 20.37
N ALA A 21 0.83 25.67 21.34
CA ALA A 21 2.18 25.29 21.74
C ALA A 21 2.95 24.66 20.58
N ILE A 22 2.30 23.82 19.77
CA ILE A 22 2.94 23.25 18.59
C ILE A 22 3.35 24.37 17.63
N GLY A 23 2.46 25.30 17.35
CA GLY A 23 2.78 26.39 16.44
C GLY A 23 3.96 27.22 16.90
N ARG A 24 4.00 27.55 18.20
CA ARG A 24 5.10 28.34 18.74
C ARG A 24 6.44 27.64 18.53
N ILE A 25 6.57 26.42 19.04
CA ILE A 25 7.81 25.68 18.84
C ILE A 25 8.11 25.54 17.34
N SER A 26 7.10 25.21 16.53
CA SER A 26 7.28 25.11 15.09
CA SER A 26 7.28 25.11 15.09
C SER A 26 7.78 26.43 14.50
N SER A 27 7.23 27.55 14.97
CA SER A 27 7.70 28.85 14.48
CA SER A 27 7.70 28.85 14.48
C SER A 27 9.18 29.06 14.82
N GLN A 28 9.58 28.77 16.06
CA GLN A 28 10.96 29.01 16.49
C GLN A 28 11.93 28.19 15.64
N LYS A 29 11.62 26.90 15.44
N LYS A 29 11.62 26.90 15.44
CA LYS A 29 12.54 26.03 14.72
CA LYS A 29 12.54 26.02 14.72
C LYS A 29 12.56 26.32 13.22
C LYS A 29 12.56 26.32 13.22
N ASN A 30 11.42 26.76 12.67
CA ASN A 30 11.36 27.10 11.26
C ASN A 30 12.00 28.45 10.97
N GLN A 31 12.01 29.35 11.96
CA GLN A 31 12.64 30.65 11.81
C GLN A 31 14.12 30.50 11.52
N GLN A 32 14.76 29.51 12.15
CA GLN A 32 16.20 29.31 12.00
C GLN A 32 16.55 28.46 10.80
N ALA A 33 15.67 27.55 10.40
CA ALA A 33 15.93 26.73 9.23
C ALA A 33 15.56 27.41 7.91
N ASN A 34 15.18 28.69 7.95
N ASN A 34 15.17 28.68 7.95
CA ASN A 34 14.75 29.41 6.76
CA ASN A 34 14.75 29.41 6.76
C ASN A 34 13.55 28.73 6.11
C ASN A 34 13.54 28.75 6.11
N VAL A 35 12.62 28.27 6.94
CA VAL A 35 11.45 27.53 6.52
C VAL A 35 10.20 28.35 6.80
N THR A 36 9.25 28.31 5.86
CA THR A 36 7.95 28.95 6.00
C THR A 36 6.82 27.96 5.74
N GLY A 37 5.66 28.28 6.26
CA GLY A 37 4.54 27.36 6.18
C GLY A 37 3.33 27.89 6.89
N VAL A 38 2.30 27.05 6.91
CA VAL A 38 1.02 27.39 7.53
C VAL A 38 0.38 26.10 8.07
N LEU A 39 -0.09 26.16 9.30
CA LEU A 39 -0.65 25.01 10.00
C LEU A 39 -2.11 25.33 10.28
N LEU A 40 -3.00 24.48 9.79
CA LEU A 40 -4.43 24.65 9.95
C LEU A 40 -5.02 23.40 10.58
N CYS A 41 -5.97 23.59 11.51
N CYS A 41 -5.96 23.60 11.50
CA CYS A 41 -6.67 22.47 12.10
CA CYS A 41 -6.70 22.52 12.13
C CYS A 41 -8.18 22.70 12.03
C CYS A 41 -8.20 22.72 11.88
N LEU A 42 -8.93 21.61 11.84
CA LEU A 42 -10.39 21.66 11.68
C LEU A 42 -10.97 20.33 12.12
N ASP A 43 -11.77 20.35 13.17
CA ASP A 43 -12.42 19.17 13.72
C ASP A 43 -11.50 17.94 13.66
N GLY A 44 -10.39 18.03 14.41
CA GLY A 44 -9.51 16.90 14.58
C GLY A 44 -8.66 16.53 13.39
N ILE A 45 -8.56 17.42 12.41
CA ILE A 45 -7.73 17.20 11.22
C ILE A 45 -6.69 18.30 11.15
N PHE A 46 -5.45 17.91 10.89
CA PHE A 46 -4.37 18.86 10.65
C PHE A 46 -4.15 19.03 9.15
N PHE A 47 -3.84 20.27 8.75
CA PHE A 47 -3.36 20.58 7.41
C PHE A 47 -2.14 21.48 7.52
N GLN A 48 -1.06 21.15 6.81
CA GLN A 48 0.12 21.99 6.85
C GLN A 48 0.78 22.08 5.48
N ILE A 49 1.25 23.29 5.15
CA ILE A 49 2.10 23.55 4.00
C ILE A 49 3.49 23.89 4.51
N LEU A 50 4.53 23.35 3.85
CA LEU A 50 5.91 23.54 4.30
C LEU A 50 6.79 23.74 3.08
N GLU A 51 7.56 24.83 3.08
CA GLU A 51 8.36 25.19 1.91
C GLU A 51 9.74 25.65 2.34
N GLY A 52 10.74 25.27 1.55
CA GLY A 52 12.11 25.66 1.78
C GLY A 52 13.07 24.74 1.05
N GLU A 53 14.34 24.84 1.45
CA GLU A 53 15.35 23.96 0.89
C GLU A 53 14.96 22.50 1.09
N ALA A 54 15.02 21.73 0.01
CA ALA A 54 14.58 20.34 0.05
C ALA A 54 15.20 19.59 1.22
N GLU A 55 16.51 19.76 1.45
CA GLU A 55 17.16 19.05 2.55
C GLU A 55 16.53 19.42 3.89
N LYS A 56 16.43 20.72 4.18
N LYS A 56 16.43 20.72 4.18
CA LYS A 56 15.86 21.16 5.44
CA LYS A 56 15.86 21.16 5.44
C LYS A 56 14.43 20.67 5.60
C LYS A 56 14.43 20.66 5.60
N ILE A 57 13.65 20.69 4.52
CA ILE A 57 12.26 20.22 4.58
C ILE A 57 12.23 18.72 4.89
N ASP A 58 13.03 17.94 4.17
CA ASP A 58 13.07 16.50 4.40
C ASP A 58 13.34 16.19 5.88
N ARG A 59 14.24 16.96 6.50
CA ARG A 59 14.54 16.77 7.91
C ARG A 59 13.30 17.04 8.75
N ILE A 60 12.70 18.23 8.57
CA ILE A 60 11.56 18.62 9.40
C ILE A 60 10.42 17.60 9.24
N TYR A 61 10.18 17.15 8.01
CA TYR A 61 9.02 16.31 7.71
C TYR A 61 9.15 14.95 8.41
N GLU A 62 10.32 14.32 8.28
CA GLU A 62 10.49 13.01 8.89
C GLU A 62 10.42 13.10 10.42
N ARG A 63 10.79 14.25 10.98
N ARG A 63 10.78 14.26 10.98
CA ARG A 63 10.57 14.44 12.41
CA ARG A 63 10.57 14.45 12.41
C ARG A 63 9.08 14.63 12.75
C ARG A 63 9.09 14.64 12.76
N ILE A 64 8.32 15.25 11.86
CA ILE A 64 6.89 15.42 12.08
C ILE A 64 6.19 14.07 12.10
N LEU A 65 6.65 13.14 11.26
CA LEU A 65 6.05 11.81 11.31
C LEU A 65 6.32 11.11 12.63
N ALA A 66 7.39 11.50 13.33
CA ALA A 66 7.69 10.95 14.65
C ALA A 66 6.75 11.47 15.72
N ASP A 67 6.07 12.60 15.48
CA ASP A 67 5.20 13.20 16.49
C ASP A 67 4.01 12.27 16.79
N GLU A 68 3.82 11.95 18.07
CA GLU A 68 2.75 11.05 18.50
C GLU A 68 1.36 11.71 18.48
N ARG A 69 1.28 13.05 18.50
CA ARG A 69 -0.01 13.70 18.67
C ARG A 69 -0.86 13.68 17.39
N HIS A 70 -0.35 13.15 16.28
CA HIS A 70 -1.15 13.00 15.06
C HIS A 70 -0.75 11.71 14.37
N THR A 71 -1.68 11.19 13.56
CA THR A 71 -1.53 9.94 12.85
C THR A 71 -2.22 10.03 11.48
N ASP A 72 -2.21 8.91 10.76
CA ASP A 72 -2.73 8.85 9.40
C ASP A 72 -2.21 10.02 8.56
N ILE A 73 -0.90 10.22 8.56
CA ILE A 73 -0.28 11.25 7.74
C ILE A 73 -0.33 10.81 6.28
N LEU A 74 -0.75 11.71 5.39
CA LEU A 74 -0.79 11.41 3.96
C LEU A 74 -0.40 12.68 3.24
N CYS A 75 0.67 12.59 2.46
CA CYS A 75 1.15 13.76 1.73
C CYS A 75 0.37 13.92 0.43
N LEU A 76 -0.33 15.06 0.27
CA LEU A 76 -1.19 15.30 -0.89
C LEU A 76 -0.41 15.80 -2.09
N LYS A 77 0.75 16.42 -1.87
CA LYS A 77 1.50 17.01 -2.97
C LYS A 77 2.91 17.34 -2.49
N SER A 78 3.90 16.96 -3.31
CA SER A 78 5.32 17.25 -3.07
C SER A 78 5.90 17.97 -4.30
N GLU A 79 5.90 19.31 -4.26
CA GLU A 79 6.47 20.09 -5.36
C GLU A 79 7.97 20.21 -5.20
N VAL A 80 8.69 19.95 -6.29
CA VAL A 80 10.13 20.12 -6.35
C VAL A 80 10.43 21.17 -7.41
N GLU A 81 11.59 21.80 -7.29
CA GLU A 81 12.02 22.83 -8.22
C GLU A 81 11.17 24.10 -8.10
N VAL A 82 10.64 24.36 -6.90
CA VAL A 82 9.84 25.55 -6.68
C VAL A 82 10.72 26.79 -6.68
N GLN A 83 10.20 27.88 -7.25
CA GLN A 83 10.96 29.12 -7.36
C GLN A 83 10.42 30.25 -6.48
N GLU A 84 9.17 30.16 -6.08
CA GLU A 84 8.52 31.21 -5.29
C GLU A 84 8.03 30.65 -3.97
N ARG A 85 8.08 31.48 -2.93
CA ARG A 85 7.57 31.12 -1.61
C ARG A 85 6.12 31.55 -1.51
N MET A 86 5.25 30.63 -1.10
N MET A 86 5.25 30.63 -1.10
CA MET A 86 3.84 30.93 -0.96
CA MET A 86 3.83 30.94 -0.97
C MET A 86 3.58 31.88 0.21
C MET A 86 3.58 31.88 0.21
N PHE A 87 4.23 31.63 1.35
CA PHE A 87 4.07 32.46 2.55
C PHE A 87 5.44 32.86 3.07
N PRO A 88 6.12 33.79 2.38
CA PRO A 88 7.48 34.16 2.82
C PRO A 88 7.50 34.96 4.13
N ASP A 89 6.34 35.31 4.68
CA ASP A 89 6.29 36.12 5.90
C ASP A 89 6.15 35.28 7.16
N TRP A 90 5.76 34.02 7.05
CA TRP A 90 5.40 33.21 8.20
C TRP A 90 6.31 32.00 8.30
N SER A 91 7.06 31.91 9.40
CA SER A 91 7.79 30.67 9.70
C SER A 91 6.81 29.55 10.04
N MET A 92 5.76 29.87 10.79
CA MET A 92 4.66 28.94 11.05
C MET A 92 3.48 29.78 11.51
N GLN A 93 2.46 29.89 10.66
CA GLN A 93 1.24 30.62 10.99
C GLN A 93 0.16 29.60 11.32
N THR A 94 -0.21 29.52 12.61
CA THR A 94 -1.25 28.60 13.07
C THR A 94 -2.63 29.23 12.95
N ILE A 95 -3.57 28.47 12.38
CA ILE A 95 -4.94 28.94 12.16
C ILE A 95 -5.88 27.85 12.66
N ASN A 96 -6.36 27.99 13.90
CA ASN A 96 -7.36 27.08 14.45
C ASN A 96 -8.72 27.50 13.90
N LEU A 97 -9.20 26.77 12.88
CA LEU A 97 -10.46 27.13 12.25
C LEU A 97 -11.67 26.75 13.11
N ASP A 98 -11.47 25.90 14.12
CA ASP A 98 -12.57 25.53 14.99
C ASP A 98 -13.11 26.73 15.76
N GLU A 99 -12.26 27.70 16.06
CA GLU A 99 -12.64 28.90 16.82
C GLU A 99 -12.95 30.09 15.93
N ASN A 100 -12.33 30.17 14.75
CA ASN A 100 -12.62 31.26 13.83
C ASN A 100 -14.10 31.25 13.47
N THR A 101 -14.71 32.45 13.44
CA THR A 101 -16.12 32.55 13.10
C THR A 101 -16.41 33.71 12.13
N ASP A 102 -15.41 34.20 11.40
N ASP A 102 -15.41 34.19 11.40
CA ASP A 102 -15.64 35.21 10.38
CA ASP A 102 -15.64 35.21 10.39
C ASP A 102 -16.69 34.74 9.39
C ASP A 102 -16.69 34.73 9.39
N PHE A 103 -17.67 35.60 9.10
CA PHE A 103 -18.79 35.19 8.26
C PHE A 103 -18.34 34.64 6.91
N LEU A 104 -17.26 35.18 6.35
CA LEU A 104 -16.82 34.73 5.03
C LEU A 104 -16.12 33.38 5.08
N ILE A 105 -15.46 33.08 6.21
CA ILE A 105 -14.79 31.79 6.37
C ILE A 105 -15.79 30.68 6.59
N ARG A 106 -17.02 31.03 6.96
CA ARG A 106 -17.96 29.99 7.37
C ARG A 106 -18.33 29.05 6.23
N PRO A 107 -18.78 29.54 5.05
CA PRO A 107 -19.06 28.58 3.95
C PRO A 107 -17.84 27.75 3.54
N ILE A 108 -16.64 28.31 3.67
CA ILE A 108 -15.44 27.61 3.23
C ILE A 108 -15.00 26.54 4.23
N LYS A 109 -15.14 26.81 5.55
CA LYS A 109 -14.74 25.82 6.55
C LYS A 109 -15.69 24.63 6.58
N VAL A 110 -16.93 24.80 6.10
CA VAL A 110 -17.86 23.68 6.01
C VAL A 110 -17.50 22.78 4.84
N LEU A 111 -17.37 23.36 3.64
N LEU A 111 -17.33 23.35 3.65
CA LEU A 111 -16.96 22.57 2.49
CA LEU A 111 -16.98 22.53 2.49
C LEU A 111 -15.66 21.84 2.75
C LEU A 111 -15.62 21.88 2.67
N LEU A 112 -14.73 22.51 3.44
CA LEU A 112 -13.43 21.90 3.70
C LEU A 112 -13.59 20.66 4.54
N GLN A 113 -14.46 20.71 5.56
N GLN A 113 -14.44 20.72 5.56
CA GLN A 113 -14.70 19.53 6.39
CA GLN A 113 -14.67 19.53 6.37
C GLN A 113 -15.39 18.43 5.59
C GLN A 113 -15.34 18.42 5.56
N THR A 114 -16.37 18.79 4.76
CA THR A 114 -17.09 17.81 3.96
C THR A 114 -16.17 17.12 2.96
N LEU A 115 -15.38 17.91 2.23
N LEU A 115 -15.37 17.91 2.24
CA LEU A 115 -14.44 17.34 1.27
CA LEU A 115 -14.43 17.34 1.28
C LEU A 115 -13.40 16.45 1.96
C LEU A 115 -13.40 16.45 1.96
N THR A 116 -12.95 16.84 3.17
CA THR A 116 -11.92 16.06 3.86
C THR A 116 -12.50 14.76 4.41
N GLU A 117 -13.67 14.85 5.04
CA GLU A 117 -14.28 13.63 5.54
C GLU A 117 -14.41 12.59 4.42
N SER A 118 -14.88 13.03 3.25
CA SER A 118 -15.06 12.12 2.13
C SER A 118 -13.71 11.60 1.66
N HIS A 119 -12.74 12.49 1.53
CA HIS A 119 -11.42 12.10 1.05
C HIS A 119 -10.87 10.99 1.93
N ARG A 120 -10.87 11.19 3.25
CA ARG A 120 -10.27 10.22 4.16
C ARG A 120 -10.93 8.84 4.10
N ILE A 121 -12.18 8.79 3.66
CA ILE A 121 -12.85 7.51 3.43
C ILE A 121 -12.36 6.88 2.14
N LEU A 122 -12.32 7.65 1.03
CA LEU A 122 -11.84 7.14 -0.25
C LEU A 122 -10.42 6.58 -0.19
N GLU A 123 -9.59 7.11 0.71
CA GLU A 123 -8.24 6.60 0.88
C GLU A 123 -8.24 5.12 1.18
N LYS A 124 -9.10 4.68 2.11
CA LYS A 124 -9.12 3.28 2.52
C LYS A 124 -9.55 2.34 1.39
N TYR A 125 -10.32 2.82 0.43
CA TYR A 125 -10.69 2.02 -0.72
C TYR A 125 -9.77 2.22 -1.91
N THR A 126 -8.70 3.00 -1.75
CA THR A 126 -7.80 3.37 -2.82
C THR A 126 -6.44 2.70 -2.60
N GLN A 127 -5.76 2.34 -3.67
CA GLN A 127 -4.44 1.75 -3.55
CA GLN A 127 -4.44 1.75 -3.55
C GLN A 127 -3.42 2.83 -3.18
N PRO A 128 -2.50 2.54 -2.26
CA PRO A 128 -1.46 3.53 -1.92
C PRO A 128 -0.62 3.98 -3.12
N SER A 129 -0.57 3.17 -4.20
CA SER A 129 0.22 3.54 -5.38
C SER A 129 -0.36 4.76 -6.10
N ILE A 130 -1.68 4.88 -6.20
CA ILE A 130 -2.26 6.05 -6.86
C ILE A 130 -1.87 7.33 -6.11
N PHE A 131 -1.89 7.30 -4.77
CA PHE A 131 -1.61 8.52 -4.01
C PHE A 131 -0.19 9.01 -4.27
N LYS A 132 0.75 8.09 -4.45
CA LYS A 132 2.11 8.54 -4.74
C LYS A 132 2.16 9.23 -6.10
N ILE A 133 1.42 8.71 -7.08
CA ILE A 133 1.43 9.33 -8.38
C ILE A 133 0.83 10.72 -8.31
N ILE A 134 -0.27 10.87 -7.56
CA ILE A 134 -0.93 12.17 -7.46
C ILE A 134 -0.01 13.17 -6.76
N SER A 135 0.70 12.73 -5.71
CA SER A 135 1.57 13.63 -4.95
C SER A 135 2.68 14.24 -5.80
N GLN A 136 3.16 13.51 -6.81
CA GLN A 136 4.26 13.94 -7.66
C GLN A 136 3.82 14.90 -8.76
N GLY A 137 2.55 15.31 -8.78
CA GLY A 137 2.06 16.19 -9.83
C GLY A 137 1.63 15.49 -11.10
N THR A 138 1.60 14.16 -11.11
CA THR A 138 1.12 13.40 -12.25
C THR A 138 -0.32 12.95 -12.05
N ASN A 139 -1.15 13.15 -13.06
CA ASN A 139 -2.52 12.67 -12.99
C ASN A 139 -2.52 11.22 -13.46
N PRO A 140 -2.81 10.25 -12.59
CA PRO A 140 -2.73 8.84 -13.02
C PRO A 140 -3.74 8.47 -14.12
N LEU A 141 -4.82 9.23 -14.27
CA LEU A 141 -5.79 8.94 -15.31
C LEU A 141 -5.25 9.24 -16.69
N ASN A 142 -4.25 10.12 -16.81
CA ASN A 142 -3.68 10.49 -18.09
C ASN A 142 -2.52 9.61 -18.48
N ILE A 143 -2.23 8.57 -17.70
CA ILE A 143 -1.16 7.63 -18.02
C ILE A 143 -1.61 6.72 -19.16
N ARG A 144 -0.75 6.57 -20.20
CA ARG A 144 -1.08 5.72 -21.33
CA ARG A 144 -1.08 5.72 -21.34
C ARG A 144 -0.66 4.28 -21.08
N PRO A 145 -1.42 3.32 -21.58
CA PRO A 145 -1.06 1.91 -21.35
C PRO A 145 0.26 1.56 -22.03
N LYS A 146 0.91 0.53 -21.49
CA LYS A 146 2.19 0.09 -22.03
C LYS A 146 2.38 -1.39 -21.73
N ALA A 147 3.15 -2.03 -22.59
CA ALA A 147 3.55 -3.41 -22.37
C ALA A 147 4.85 -3.40 -21.57
N VAL A 148 4.91 -4.26 -20.55
CA VAL A 148 6.03 -4.30 -19.62
C VAL A 148 6.11 -5.72 -19.07
N GLU A 149 7.35 -6.13 -18.79
CA GLU A 149 7.61 -7.38 -18.12
C GLU A 149 7.40 -7.26 -16.61
N LYS A 150 6.70 -8.24 -16.05
CA LYS A 150 6.44 -8.26 -14.61
C LYS A 150 6.53 -9.70 -14.12
N ILE A 151 6.75 -9.83 -12.82
CA ILE A 151 6.56 -11.08 -12.11
C ILE A 151 5.21 -11.00 -11.44
N VAL A 152 4.31 -11.90 -11.82
CA VAL A 152 2.96 -11.92 -11.27
C VAL A 152 2.92 -12.87 -10.05
N PHE A 153 2.36 -12.37 -8.96
CA PHE A 153 2.24 -13.15 -7.73
C PHE A 153 0.77 -13.51 -7.52
N PHE A 154 0.52 -14.79 -7.28
CA PHE A 154 -0.82 -15.28 -6.95
C PHE A 154 -0.75 -16.15 -5.70
N SER A 155 -1.57 -15.85 -4.69
CA SER A 155 -1.70 -16.68 -3.50
CA SER A 155 -1.69 -16.67 -3.49
C SER A 155 -3.17 -16.81 -3.16
N ASP A 156 -3.56 -18.01 -2.73
CA ASP A 156 -4.95 -18.36 -2.46
C ASP A 156 -5.08 -19.25 -1.23
N ILE A 157 -6.01 -18.86 -0.35
CA ILE A 157 -6.28 -19.65 0.84
C ILE A 157 -6.75 -21.06 0.48
N VAL A 158 -6.27 -22.05 1.24
CA VAL A 158 -6.59 -23.45 0.99
C VAL A 158 -7.92 -23.79 1.64
N SER A 159 -8.85 -24.28 0.84
CA SER A 159 -10.16 -24.72 1.34
CA SER A 159 -10.17 -24.72 1.33
C SER A 159 -10.85 -23.64 2.18
N PHE A 160 -10.98 -22.44 1.61
CA PHE A 160 -11.69 -21.37 2.28
C PHE A 160 -13.19 -21.64 2.37
N SER A 161 -13.72 -22.52 1.53
CA SER A 161 -15.17 -22.74 1.52
C SER A 161 -15.64 -23.29 2.86
N THR A 162 -14.81 -24.13 3.49
CA THR A 162 -15.20 -24.72 4.77
C THR A 162 -15.35 -23.65 5.85
N PHE A 163 -14.47 -22.63 5.84
CA PHE A 163 -14.59 -21.53 6.80
C PHE A 163 -15.98 -20.92 6.73
N ALA A 164 -16.45 -20.57 5.52
CA ALA A 164 -17.74 -19.90 5.37
C ALA A 164 -18.90 -20.78 5.85
N GLU A 165 -18.75 -22.10 5.72
CA GLU A 165 -19.83 -23.02 6.01
C GLU A 165 -19.90 -23.42 7.46
N LYS A 166 -18.92 -23.03 8.28
CA LYS A 166 -18.85 -23.49 9.66
C LYS A 166 -18.55 -22.40 10.68
N LEU A 167 -18.43 -21.15 10.27
CA LEU A 167 -18.08 -20.06 11.16
C LEU A 167 -19.05 -18.93 10.94
N PRO A 168 -19.26 -18.09 11.95
CA PRO A 168 -20.12 -16.91 11.79
C PRO A 168 -19.50 -15.93 10.79
N VAL A 169 -20.36 -15.07 10.24
N VAL A 169 -20.36 -15.07 10.24
CA VAL A 169 -19.94 -14.17 9.16
CA VAL A 169 -19.92 -14.18 9.16
C VAL A 169 -18.77 -13.31 9.59
C VAL A 169 -18.78 -13.29 9.61
N GLU A 170 -18.81 -12.82 10.85
CA GLU A 170 -17.79 -11.91 11.35
C GLU A 170 -16.43 -12.59 11.42
N GLU A 171 -16.40 -13.88 11.74
CA GLU A 171 -15.12 -14.57 11.90
C GLU A 171 -14.50 -14.95 10.55
N VAL A 172 -15.32 -15.23 9.55
CA VAL A 172 -14.78 -15.51 8.22
C VAL A 172 -14.06 -14.28 7.70
N VAL A 173 -14.72 -13.11 7.75
CA VAL A 173 -14.10 -11.87 7.28
C VAL A 173 -12.83 -11.56 8.08
N SER A 174 -12.84 -11.88 9.36
CA SER A 174 -11.67 -11.67 10.19
CA SER A 174 -11.66 -11.66 10.19
C SER A 174 -10.50 -12.55 9.75
N VAL A 175 -10.79 -13.77 9.32
CA VAL A 175 -9.74 -14.69 8.88
C VAL A 175 -9.15 -14.24 7.55
N VAL A 176 -10.02 -13.84 6.63
CA VAL A 176 -9.53 -13.43 5.32
C VAL A 176 -8.82 -12.09 5.40
N ASN A 177 -9.32 -11.20 6.27
CA ASN A 177 -8.65 -9.92 6.36
C ASN A 177 -7.27 -10.02 7.00
N SER A 178 -7.12 -10.95 7.97
CA SER A 178 -5.83 -11.17 8.61
C SER A 178 -4.83 -11.70 7.61
N TYR A 179 -5.30 -12.60 6.72
CA TYR A 179 -4.47 -13.18 5.67
C TYR A 179 -4.05 -12.09 4.69
N PHE A 180 -5.03 -11.30 4.23
CA PHE A 180 -4.71 -10.24 3.29
C PHE A 180 -3.70 -9.27 3.92
N SER A 181 -3.86 -8.99 5.22
N SER A 181 -3.86 -8.99 5.22
CA SER A 181 -2.97 -8.04 5.89
CA SER A 181 -2.97 -8.04 5.90
C SER A 181 -1.54 -8.58 5.92
C SER A 181 -1.55 -8.58 5.95
N VAL A 182 -1.39 -9.87 6.26
CA VAL A 182 -0.06 -10.46 6.30
C VAL A 182 0.59 -10.45 4.93
N CYS A 183 -0.16 -10.85 3.90
CA CYS A 183 0.40 -10.86 2.55
C CYS A 183 0.80 -9.47 2.10
N THR A 184 -0.07 -8.50 2.29
CA THR A 184 0.22 -7.15 1.81
C THR A 184 1.44 -6.57 2.49
N ALA A 185 1.54 -6.76 3.81
CA ALA A 185 2.67 -6.20 4.54
C ALA A 185 4.00 -6.70 4.00
N ILE A 186 4.13 -7.99 3.72
CA ILE A 186 5.41 -8.53 3.28
C ILE A 186 5.68 -8.18 1.82
N ILE A 187 4.68 -8.33 0.94
CA ILE A 187 4.87 -7.93 -0.46
C ILE A 187 5.29 -6.46 -0.59
N THR A 188 4.55 -5.55 0.03
CA THR A 188 4.92 -4.14 -0.06
C THR A 188 6.33 -3.92 0.44
N ARG A 189 6.73 -4.63 1.50
CA ARG A 189 8.07 -4.49 2.05
C ARG A 189 9.16 -4.90 1.06
N GLN A 190 8.86 -5.82 0.14
CA GLN A 190 9.83 -6.29 -0.85
C GLN A 190 9.67 -5.58 -2.21
N GLY A 191 8.89 -4.52 -2.26
CA GLY A 191 8.78 -3.73 -3.46
C GLY A 191 7.62 -4.12 -4.33
N GLY A 192 6.84 -5.08 -3.91
CA GLY A 192 5.74 -5.55 -4.71
C GLY A 192 4.55 -4.62 -4.61
N GLU A 193 3.64 -4.74 -5.58
CA GLU A 193 2.42 -3.96 -5.67
C GLU A 193 1.24 -4.93 -5.68
N VAL A 194 0.41 -4.83 -4.64
CA VAL A 194 -0.80 -5.63 -4.51
C VAL A 194 -1.86 -4.92 -5.32
N THR A 195 -2.31 -5.53 -6.39
CA THR A 195 -3.22 -4.86 -7.31
C THR A 195 -4.68 -5.24 -7.15
N LYS A 196 -4.96 -6.49 -6.78
CA LYS A 196 -6.35 -6.94 -6.72
C LYS A 196 -6.57 -8.09 -5.72
N PHE A 197 -7.69 -8.01 -5.02
CA PHE A 197 -8.16 -9.11 -4.19
C PHE A 197 -9.30 -9.79 -4.92
N ILE A 198 -9.19 -11.11 -5.07
CA ILE A 198 -10.14 -11.90 -5.84
C ILE A 198 -10.70 -12.97 -4.93
N GLY A 199 -11.70 -12.60 -4.16
CA GLY A 199 -12.25 -13.52 -3.19
C GLY A 199 -11.28 -13.78 -2.07
N ASP A 200 -10.79 -15.02 -1.87
CA ASP A 200 -9.73 -15.33 -0.91
C ASP A 200 -8.33 -15.31 -1.55
N CYS A 201 -8.15 -14.56 -2.63
CA CYS A 201 -6.91 -14.58 -3.41
C CYS A 201 -6.26 -13.20 -3.40
N VAL A 202 -4.93 -13.18 -3.36
CA VAL A 202 -4.15 -11.96 -3.49
C VAL A 202 -3.45 -11.98 -4.86
N MET A 203 -3.64 -10.91 -5.63
CA MET A 203 -2.98 -10.73 -6.92
CA MET A 203 -2.98 -10.72 -6.92
C MET A 203 -1.99 -9.57 -6.81
N ALA A 204 -0.71 -9.84 -7.11
CA ALA A 204 0.31 -8.82 -7.00
C ALA A 204 1.34 -9.01 -8.09
N TYR A 205 2.20 -8.00 -8.26
CA TYR A 205 3.24 -8.12 -9.26
C TYR A 205 4.49 -7.38 -8.80
N PHE A 206 5.63 -7.83 -9.36
CA PHE A 206 6.93 -7.23 -9.15
C PHE A 206 7.53 -6.80 -10.49
N ASP A 207 8.51 -5.90 -10.42
CA ASP A 207 9.30 -5.56 -11.60
C ASP A 207 9.86 -6.83 -12.18
N GLY A 208 10.05 -6.87 -13.51
CA GLY A 208 10.49 -8.08 -14.19
C GLY A 208 11.90 -8.53 -13.84
N ASP A 209 12.72 -7.66 -13.26
CA ASP A 209 14.06 -8.06 -12.86
C ASP A 209 14.18 -8.19 -11.33
N CYS A 210 13.11 -8.56 -10.66
CA CYS A 210 13.07 -8.65 -9.20
C CYS A 210 12.57 -10.01 -8.80
N ALA A 211 13.06 -11.05 -9.47
CA ALA A 211 12.63 -12.39 -9.11
C ALA A 211 13.11 -12.78 -7.72
N ASP A 212 14.28 -12.31 -7.33
CA ASP A 212 14.76 -12.65 -5.99
C ASP A 212 13.85 -12.09 -4.90
N GLN A 213 13.31 -10.88 -5.12
CA GLN A 213 12.42 -10.31 -4.10
C GLN A 213 11.02 -10.96 -4.11
N ALA A 214 10.55 -11.44 -5.25
CA ALA A 214 9.30 -12.19 -5.25
C ALA A 214 9.43 -13.53 -4.54
N ILE A 215 10.52 -14.25 -4.78
CA ILE A 215 10.76 -15.49 -4.05
C ILE A 215 10.89 -15.24 -2.55
N GLN A 216 11.64 -14.22 -2.14
CA GLN A 216 11.81 -13.94 -0.72
C GLN A 216 10.49 -13.54 -0.05
N ALA A 217 9.67 -12.71 -0.73
CA ALA A 217 8.36 -12.40 -0.16
C ALA A 217 7.53 -13.66 0.01
N SER A 218 7.54 -14.53 -0.99
CA SER A 218 6.80 -15.78 -0.90
C SER A 218 7.25 -16.58 0.32
N LEU A 219 8.57 -16.74 0.47
CA LEU A 219 9.07 -17.54 1.58
C LEU A 219 8.72 -16.95 2.91
N ASP A 220 8.82 -15.61 3.01
CA ASP A 220 8.53 -14.93 4.27
C ASP A 220 7.06 -15.06 4.62
N ILE A 221 6.18 -15.05 3.61
CA ILE A 221 4.75 -15.21 3.89
C ILE A 221 4.50 -16.56 4.51
N LEU A 222 5.03 -17.60 3.88
CA LEU A 222 4.86 -18.96 4.39
C LEU A 222 5.38 -19.08 5.82
N MET A 223 6.49 -18.39 6.14
N MET A 223 6.50 -18.40 6.13
CA MET A 223 7.02 -18.41 7.51
CA MET A 223 7.04 -18.38 7.49
C MET A 223 6.08 -17.66 8.44
C MET A 223 6.09 -17.65 8.44
N GLU A 224 5.56 -16.51 7.99
CA GLU A 224 4.66 -15.73 8.85
C GLU A 224 3.41 -16.51 9.18
N LEU A 225 2.87 -17.25 8.17
CA LEU A 225 1.65 -18.01 8.41
C LEU A 225 1.92 -19.20 9.32
N GLU A 226 3.10 -19.80 9.25
CA GLU A 226 3.44 -20.87 10.16
CA GLU A 226 3.42 -20.88 10.17
C GLU A 226 3.51 -20.37 11.60
N ILE A 227 4.18 -19.24 11.83
CA ILE A 227 4.17 -18.62 13.16
C ILE A 227 2.73 -18.24 13.57
N LEU A 228 1.95 -17.71 12.63
CA LEU A 228 0.57 -17.34 12.97
C LEU A 228 -0.22 -18.57 13.42
N ARG A 229 -0.07 -19.70 12.71
CA ARG A 229 -0.83 -20.90 13.08
C ARG A 229 -0.43 -21.44 14.45
N ASN A 230 0.88 -21.50 14.73
CA ASN A 230 1.35 -22.09 15.98
C ASN A 230 1.10 -21.19 17.19
N SER A 231 0.97 -19.89 16.99
N SER A 231 0.99 -19.88 17.00
CA SER A 231 0.85 -18.95 18.11
CA SER A 231 0.87 -18.94 18.11
C SER A 231 -0.57 -18.51 18.37
C SER A 231 -0.57 -18.49 18.35
N ALA A 232 -1.51 -18.93 17.53
CA ALA A 232 -2.88 -18.52 17.68
C ALA A 232 -3.46 -19.06 18.97
N PRO A 233 -4.50 -18.41 19.52
CA PRO A 233 -5.16 -18.94 20.71
C PRO A 233 -5.80 -20.31 20.44
N GLU A 234 -6.23 -20.96 21.52
CA GLU A 234 -6.92 -22.23 21.41
C GLU A 234 -8.22 -22.09 20.64
N GLY A 235 -8.54 -23.11 19.84
CA GLY A 235 -9.76 -23.12 19.07
C GLY A 235 -9.92 -22.01 18.05
N SER A 236 -8.87 -21.23 17.81
CA SER A 236 -8.90 -20.16 16.83
C SER A 236 -8.89 -20.73 15.41
N PRO A 237 -9.69 -20.14 14.51
CA PRO A 237 -9.67 -20.60 13.10
C PRO A 237 -8.36 -20.33 12.37
N LEU A 238 -7.51 -19.43 12.88
CA LEU A 238 -6.23 -19.13 12.25
C LEU A 238 -5.27 -20.32 12.32
N ARG A 239 -5.54 -21.29 13.18
CA ARG A 239 -4.67 -22.45 13.28
C ARG A 239 -4.63 -23.28 11.99
N VAL A 240 -5.67 -23.16 11.15
CA VAL A 240 -5.74 -23.96 9.93
C VAL A 240 -5.77 -23.05 8.72
N LEU A 241 -5.08 -21.92 8.79
CA LEU A 241 -4.94 -20.97 7.68
C LEU A 241 -3.69 -21.33 6.88
N TYR A 242 -3.93 -22.01 5.78
CA TYR A 242 -2.90 -22.36 4.82
C TYR A 242 -3.12 -21.63 3.50
N SER A 243 -2.00 -21.46 2.77
CA SER A 243 -2.04 -20.81 1.47
C SER A 243 -1.11 -21.49 0.46
N GLY A 244 -1.50 -21.41 -0.79
CA GLY A 244 -0.59 -21.67 -1.86
C GLY A 244 -0.09 -20.40 -2.50
N ILE A 245 0.96 -20.54 -3.30
CA ILE A 245 1.60 -19.39 -3.94
C ILE A 245 2.11 -19.81 -5.33
N GLY A 246 1.82 -19.00 -6.34
CA GLY A 246 2.36 -19.20 -7.68
C GLY A 246 2.95 -17.93 -8.25
N LEU A 247 4.13 -18.07 -8.87
CA LEU A 247 4.83 -16.94 -9.48
C LEU A 247 5.09 -17.22 -10.94
N ALA A 248 4.79 -16.25 -11.81
CA ALA A 248 5.08 -16.34 -13.23
C ALA A 248 5.65 -15.02 -13.74
N LYS A 249 6.33 -15.10 -14.89
CA LYS A 249 6.97 -13.96 -15.52
CA LYS A 249 6.96 -13.95 -15.51
C LYS A 249 6.53 -13.83 -16.97
N GLY A 250 6.32 -12.60 -17.42
CA GLY A 250 5.86 -12.42 -18.78
C GLY A 250 5.57 -10.97 -19.08
N LYS A 251 5.26 -10.71 -20.34
CA LYS A 251 4.95 -9.37 -20.80
C LYS A 251 3.46 -9.13 -20.63
N VAL A 252 3.10 -8.10 -19.85
CA VAL A 252 1.71 -7.77 -19.54
C VAL A 252 1.46 -6.31 -19.87
N ILE A 253 0.20 -5.96 -20.05
CA ILE A 253 -0.20 -4.57 -20.26
C ILE A 253 -0.49 -3.95 -18.91
N GLU A 254 0.11 -2.81 -18.66
CA GLU A 254 -0.14 -2.02 -17.48
C GLU A 254 -0.81 -0.73 -17.87
N GLY A 255 -1.91 -0.40 -17.20
CA GLY A 255 -2.58 0.85 -17.49
C GLY A 255 -3.96 0.86 -16.88
N ASN A 256 -4.71 1.95 -17.17
CA ASN A 256 -6.04 2.19 -16.65
C ASN A 256 -7.03 1.32 -17.39
N ILE A 257 -7.77 0.48 -16.66
N ILE A 257 -7.76 0.47 -16.65
CA ILE A 257 -8.70 -0.49 -17.22
CA ILE A 257 -8.70 -0.51 -17.21
C ILE A 257 -10.02 -0.35 -16.46
C ILE A 257 -10.02 -0.35 -16.46
N GLY A 258 -11.12 -0.25 -17.21
CA GLY A 258 -12.44 -0.24 -16.63
C GLY A 258 -13.33 0.59 -17.50
N SER A 259 -14.40 1.07 -16.88
CA SER A 259 -15.45 1.79 -17.57
C SER A 259 -15.36 3.25 -17.17
N GLU A 260 -16.31 4.04 -17.64
CA GLU A 260 -16.30 5.46 -17.29
C GLU A 260 -16.65 5.69 -15.84
N LEU A 261 -17.42 4.78 -15.23
CA LEU A 261 -17.86 4.97 -13.86
C LEU A 261 -16.76 4.57 -12.88
N LYS A 262 -16.05 3.49 -13.19
N LYS A 262 -16.05 3.47 -13.19
CA LYS A 262 -14.97 3.00 -12.34
CA LYS A 262 -14.97 2.99 -12.33
C LYS A 262 -13.89 2.33 -13.20
C LYS A 262 -13.89 2.34 -13.19
N ARG A 263 -12.64 2.51 -12.78
CA ARG A 263 -11.51 1.88 -13.44
C ARG A 263 -10.46 1.54 -12.40
N ASP A 264 -9.59 0.63 -12.79
CA ASP A 264 -8.47 0.18 -11.98
C ASP A 264 -7.16 0.47 -12.71
N TYR A 265 -6.10 0.73 -11.96
CA TYR A 265 -4.75 0.78 -12.52
C TYR A 265 -4.12 -0.56 -12.19
N THR A 266 -4.08 -1.46 -13.16
CA THR A 266 -3.71 -2.86 -12.94
C THR A 266 -2.97 -3.39 -14.19
N ILE A 267 -2.77 -4.69 -14.27
CA ILE A 267 -2.08 -5.30 -15.40
C ILE A 267 -3.02 -6.27 -16.12
N LEU A 268 -2.55 -6.79 -17.24
CA LEU A 268 -3.32 -7.71 -18.07
CA LEU A 268 -3.32 -7.71 -18.07
C LEU A 268 -2.35 -8.51 -18.93
N GLY A 269 -2.60 -9.80 -19.06
CA GLY A 269 -1.79 -10.60 -19.95
C GLY A 269 -1.81 -12.07 -19.58
N ASP A 270 -1.07 -12.85 -20.38
CA ASP A 270 -1.03 -14.30 -20.19
CA ASP A 270 -1.03 -14.30 -20.19
C ASP A 270 -0.38 -14.69 -18.86
N ALA A 271 0.66 -13.98 -18.45
CA ALA A 271 1.39 -14.35 -17.24
C ALA A 271 0.46 -14.45 -16.02
N VAL A 272 -0.67 -13.73 -16.07
CA VAL A 272 -1.62 -13.80 -14.98
C VAL A 272 -2.24 -15.19 -14.87
N ASN A 273 -2.70 -15.74 -16.01
CA ASN A 273 -3.29 -17.08 -15.98
CA ASN A 273 -3.28 -17.09 -16.02
C ASN A 273 -2.25 -18.12 -15.59
N VAL A 274 -1.00 -17.95 -16.01
CA VAL A 274 0.03 -18.91 -15.64
C VAL A 274 0.26 -18.89 -14.15
N ALA A 275 0.45 -17.71 -13.58
CA ALA A 275 0.62 -17.63 -12.14
C ALA A 275 -0.57 -18.24 -11.41
N ALA A 276 -1.80 -17.98 -11.89
CA ALA A 276 -2.98 -18.54 -11.23
C ALA A 276 -3.01 -20.06 -11.36
N ARG A 277 -2.66 -20.55 -12.54
CA ARG A 277 -2.58 -22.00 -12.77
CA ARG A 277 -2.60 -22.00 -12.77
C ARG A 277 -1.55 -22.64 -11.86
N LEU A 278 -0.37 -22.05 -11.77
CA LEU A 278 0.69 -22.61 -10.91
C LEU A 278 0.25 -22.67 -9.45
N GLU A 279 -0.40 -21.60 -8.96
CA GLU A 279 -0.85 -21.56 -7.57
C GLU A 279 -1.78 -22.74 -7.31
N ALA A 280 -2.64 -23.03 -8.28
CA ALA A 280 -3.62 -24.11 -8.14
C ALA A 280 -2.93 -25.47 -8.04
N LEU A 281 -1.81 -25.63 -8.73
CA LEU A 281 -1.05 -26.88 -8.69
C LEU A 281 -0.51 -27.24 -7.32
N THR A 282 -0.33 -26.26 -6.44
CA THR A 282 0.15 -26.53 -5.09
C THR A 282 -0.82 -27.41 -4.30
N ARG A 283 -2.10 -27.42 -4.64
CA ARG A 283 -3.00 -28.32 -3.93
C ARG A 283 -2.61 -29.79 -4.13
N GLN A 284 -2.07 -30.13 -5.31
CA GLN A 284 -1.67 -31.50 -5.61
C GLN A 284 -0.29 -31.87 -5.06
N LEU A 285 0.61 -30.91 -4.94
CA LEU A 285 1.98 -31.18 -4.53
C LEU A 285 2.16 -30.81 -3.06
N SER A 286 3.21 -31.36 -2.47
CA SER A 286 3.51 -31.03 -1.08
C SER A 286 4.09 -29.63 -0.93
N GLN A 287 4.62 -29.04 -2.00
CA GLN A 287 5.21 -27.71 -1.95
C GLN A 287 4.12 -26.64 -2.05
N ALA A 288 4.17 -25.68 -1.12
CA ALA A 288 3.24 -24.55 -1.07
C ALA A 288 3.64 -23.39 -1.97
N LEU A 289 4.80 -23.48 -2.64
CA LEU A 289 5.27 -22.44 -3.55
C LEU A 289 5.75 -23.08 -4.84
N VAL A 290 5.25 -22.59 -5.97
N VAL A 290 5.27 -22.57 -5.96
CA VAL A 290 5.70 -23.08 -7.27
CA VAL A 290 5.66 -23.06 -7.26
C VAL A 290 5.81 -21.91 -8.22
C VAL A 290 5.83 -21.88 -8.21
N PHE A 291 6.77 -22.00 -9.15
CA PHE A 291 7.04 -20.92 -10.08
C PHE A 291 7.68 -21.46 -11.35
N SER A 292 7.55 -20.67 -12.41
CA SER A 292 8.05 -21.06 -13.71
C SER A 292 9.57 -20.96 -13.77
N SER A 293 10.14 -21.54 -14.83
CA SER A 293 11.57 -21.50 -15.04
C SER A 293 12.00 -20.13 -15.47
N GLU A 294 11.10 -19.31 -16.01
CA GLU A 294 11.47 -17.92 -16.29
C GLU A 294 11.69 -17.13 -15.01
N VAL A 295 10.95 -17.44 -13.96
CA VAL A 295 11.23 -16.86 -12.65
C VAL A 295 12.57 -17.40 -12.13
N LYS A 296 12.74 -18.71 -12.23
CA LYS A 296 13.97 -19.33 -11.71
C LYS A 296 15.18 -18.81 -12.45
N ASN A 297 15.03 -18.58 -13.75
CA ASN A 297 16.14 -18.09 -14.56
C ASN A 297 16.43 -16.63 -14.35
N SER A 298 15.49 -15.86 -13.82
CA SER A 298 15.66 -14.43 -13.59
C SER A 298 16.21 -14.12 -12.21
N ALA A 299 16.24 -15.11 -11.32
CA ALA A 299 16.82 -14.92 -10.01
C ALA A 299 18.34 -14.77 -10.10
N THR A 300 18.91 -13.96 -9.20
CA THR A 300 20.35 -13.76 -9.17
C THR A 300 21.03 -14.46 -8.01
N LYS A 301 20.31 -14.78 -6.94
CA LYS A 301 20.88 -15.45 -5.78
C LYS A 301 20.83 -16.94 -6.01
N SER A 302 21.53 -17.67 -5.14
CA SER A 302 21.66 -19.11 -5.28
C SER A 302 20.64 -19.82 -4.39
N TRP A 303 19.39 -19.70 -4.79
CA TRP A 303 18.34 -20.36 -4.04
C TRP A 303 18.51 -21.87 -4.11
N ASN A 304 17.99 -22.56 -3.09
CA ASN A 304 17.94 -24.03 -3.09
C ASN A 304 16.78 -24.51 -3.97
N PHE A 305 16.97 -24.40 -5.30
CA PHE A 305 15.97 -24.77 -6.30
C PHE A 305 15.73 -26.29 -6.33
N ILE A 306 14.49 -26.67 -6.57
CA ILE A 306 14.14 -28.07 -6.79
C ILE A 306 13.27 -28.13 -8.05
N TRP A 307 13.64 -29.01 -8.96
CA TRP A 307 12.98 -29.12 -10.25
C TRP A 307 11.81 -30.09 -10.12
N LEU A 308 10.60 -29.61 -10.35
CA LEU A 308 9.39 -30.40 -10.19
C LEU A 308 8.93 -31.00 -11.51
N THR A 309 8.65 -32.30 -11.51
CA THR A 309 8.25 -32.99 -12.73
C THR A 309 6.73 -33.17 -12.81
N ASP A 310 5.99 -32.09 -12.54
CA ASP A 310 4.53 -32.12 -12.58
C ASP A 310 4.04 -30.93 -13.40
N SER A 311 4.44 -30.90 -14.66
CA SER A 311 4.08 -29.80 -15.56
C SER A 311 2.88 -30.20 -16.44
N GLU A 312 1.80 -30.58 -15.77
CA GLU A 312 0.55 -30.94 -16.45
C GLU A 312 -0.37 -29.75 -16.62
N LEU A 313 0.18 -28.58 -16.94
CA LEU A 313 -0.62 -27.38 -17.06
C LEU A 313 -1.52 -27.45 -18.29
N LYS A 314 -2.65 -26.75 -18.21
CA LYS A 314 -3.61 -26.66 -19.30
C LYS A 314 -3.85 -25.21 -19.66
N GLY A 315 -4.14 -24.98 -20.95
CA GLY A 315 -4.37 -23.65 -21.45
C GLY A 315 -3.13 -22.90 -21.90
N LYS A 316 -1.94 -23.44 -21.61
CA LYS A 316 -0.71 -22.79 -22.01
C LYS A 316 -0.43 -23.07 -23.48
N SER A 317 0.74 -22.65 -23.96
CA SER A 317 1.12 -22.87 -25.35
C SER A 317 1.96 -24.14 -25.52
N GLU A 318 2.97 -24.32 -24.67
CA GLU A 318 3.83 -25.48 -24.73
C GLU A 318 4.18 -25.91 -23.30
N SER A 319 5.11 -26.86 -23.18
CA SER A 319 5.53 -27.34 -21.86
C SER A 319 6.14 -26.19 -21.05
N ILE A 320 6.03 -26.31 -19.72
CA ILE A 320 6.56 -25.31 -18.80
C ILE A 320 7.29 -26.04 -17.68
N ASP A 321 8.54 -25.68 -17.46
CA ASP A 321 9.31 -26.26 -16.37
C ASP A 321 8.87 -25.64 -15.04
N ILE A 322 8.58 -26.49 -14.06
CA ILE A 322 8.09 -26.05 -12.75
C ILE A 322 9.21 -26.15 -11.73
N TYR A 323 9.32 -25.16 -10.85
CA TYR A 323 10.33 -25.15 -9.80
C TYR A 323 9.74 -24.74 -8.47
N SER A 324 10.42 -25.12 -7.40
CA SER A 324 10.10 -24.65 -6.06
C SER A 324 11.41 -24.47 -5.31
N ILE A 325 11.31 -24.12 -4.01
CA ILE A 325 12.45 -24.05 -3.09
C ILE A 325 12.34 -25.23 -2.13
N ASP A 326 13.45 -25.96 -1.97
CA ASP A 326 13.49 -27.12 -1.08
C ASP A 326 14.02 -26.66 0.28
N ASN A 327 13.11 -26.50 1.25
CA ASN A 327 13.45 -26.08 2.61
C ASN A 327 12.50 -26.74 3.59
N GLU A 328 12.61 -26.36 4.87
CA GLU A 328 11.78 -26.99 5.91
C GLU A 328 10.29 -26.75 5.68
N MET A 329 9.95 -25.65 5.03
CA MET A 329 8.54 -25.34 4.78
C MET A 329 7.94 -26.23 3.69
N THR A 330 8.42 -26.09 2.46
CA THR A 330 7.90 -26.85 1.34
C THR A 330 8.27 -28.34 1.44
N1 FMN B . 8.17 21.14 14.25
C2 FMN B . 8.92 22.06 13.36
O2 FMN B . 10.04 22.39 13.59
N3 FMN B . 8.28 22.62 12.16
C4 FMN B . 6.92 22.27 11.84
O4 FMN B . 6.43 22.73 10.87
C4A FMN B . 6.17 21.28 12.73
N5 FMN B . 4.83 20.92 12.41
C5A FMN B . 4.05 19.99 13.27
C6 FMN B . 2.72 19.64 12.92
C7 FMN B . 2.01 18.77 13.74
C7M FMN B . 0.65 18.62 13.07
C8 FMN B . 2.63 18.22 14.90
C8M FMN B . 1.76 17.28 15.75
C9 FMN B . 3.94 18.58 15.24
C9A FMN B . 4.68 19.46 14.42
N10 FMN B . 6.08 19.86 14.75
C10 FMN B . 6.81 20.75 13.90
C1' FMN B . 6.70 19.36 15.95
C2' FMN B . 7.74 18.32 15.66
O2' FMN B . 7.07 17.14 15.35
C3' FMN B . 8.62 18.06 16.90
O3' FMN B . 7.83 17.89 18.05
C4' FMN B . 9.57 19.22 17.15
O4' FMN B . 10.28 19.52 15.99
C5' FMN B . 10.56 18.81 18.27
O5' FMN B . 10.66 19.91 19.16
P FMN B . 12.01 20.06 20.13
O1P FMN B . 13.03 20.91 19.38
O2P FMN B . 11.61 20.78 21.42
O3P FMN B . 12.53 18.65 20.39
HN3 FMN B . 8.79 23.26 11.57
H6 FMN B . 2.26 20.06 12.04
HM71 FMN B . 0.24 17.64 13.29
HM72 FMN B . -0.02 19.38 13.45
HM73 FMN B . 0.76 18.75 12.01
HM81 FMN B . 1.76 16.30 15.30
HM82 FMN B . 0.75 17.66 15.79
HM83 FMN B . 2.18 17.22 16.75
H9 FMN B . 4.38 18.19 16.15
H1'1 FMN B . 7.17 20.19 16.48
H1'2 FMN B . 5.93 18.92 16.58
H2' FMN B . 8.39 18.65 14.85
HO2' FMN B . 7.67 16.55 14.90
H3' FMN B . 9.17 17.15 16.70
H4' FMN B . 9.00 20.09 17.45
HO4' FMN B . 10.14 20.43 15.75
H5'1 FMN B . 10.18 17.94 18.79
H5'2 FMN B . 11.53 18.60 17.83
PG ATP C . -8.99 -24.06 -2.71
PG ATP C . -9.40 -24.43 -3.42
O1G ATP C . -8.11 -24.84 -1.77
O1G ATP C . -8.70 -25.74 -3.31
O2G ATP C . -8.59 -22.60 -3.03
O2G ATP C . -8.58 -23.21 -3.04
O3G ATP C . -9.19 -24.75 -4.12
O3G ATP C . -10.00 -24.19 -4.86
PB ATP C . -11.47 -22.77 -1.52
PB ATP C . -11.81 -23.33 -1.94
O1B ATP C . -10.70 -21.71 -0.88
O1B ATP C . -11.24 -22.25 -1.10
O2B ATP C . -12.56 -23.43 -0.72
O2B ATP C . -12.93 -24.15 -1.33
O3B ATP C . -10.49 -23.91 -2.08
O3B ATP C . -10.67 -24.36 -2.42
PA ATP C . -11.87 -21.08 -3.92
PA ATP C . -12.23 -21.38 -4.17
O1A ATP C . -11.88 -21.57 -5.31
O1A ATP C . -12.66 -21.56 -5.57
O2A ATP C . -10.51 -20.46 -3.58
O2A ATP C . -10.81 -20.85 -4.00
O3A ATP C . -12.14 -22.25 -2.86
O3A ATP C . -12.32 -22.78 -3.35
O5' ATP C . -13.01 -20.01 -3.68
O5' ATP C . -13.22 -20.41 -3.40
C5' ATP C . -13.00 -19.14 -2.52
C5' ATP C . -12.83 -19.74 -2.18
C4' ATP C . -13.72 -17.86 -2.83
C4' ATP C . -13.60 -18.46 -1.99
O4' ATP C . -13.08 -17.29 -4.00
O4' ATP C . -13.20 -17.55 -3.03
C3' ATP C . -15.10 -18.21 -3.35
C3' ATP C . -15.08 -18.74 -2.24
O3' ATP C . -16.01 -18.22 -2.26
O3' ATP C . -15.81 -18.04 -1.25
C2' ATP C . -15.42 -16.96 -4.17
C2' ATP C . -15.36 -18.03 -3.56
O2' ATP C . -15.64 -15.92 -3.23
O2' ATP C . -16.63 -17.40 -3.43
C1' ATP C . -14.05 -16.65 -4.80
C1' ATP C . -14.36 -16.90 -3.47
N9 ATP C . -13.96 -17.24 -6.13
N9 ATP C . -14.07 -16.36 -4.79
C8 ATP C . -14.03 -18.58 -6.44
C8 ATP C . -13.44 -16.98 -5.84
N7 ATP C . -13.94 -18.82 -7.73
N7 ATP C . -13.33 -16.24 -6.91
C5 ATP C . -13.78 -17.57 -8.29
C5 ATP C . -13.90 -15.03 -6.53
C6 ATP C . -13.63 -17.13 -9.63
C6 ATP C . -14.09 -13.82 -7.21
N6 ATP C . -13.58 -17.96 -10.67
N6 ATP C . -13.69 -13.60 -8.48
N1 ATP C . -13.52 -15.79 -9.84
N1 ATP C . -14.72 -12.81 -6.56
C2 ATP C . -13.54 -14.97 -8.80
C2 ATP C . -15.10 -13.02 -5.29
N3 ATP C . -13.69 -15.26 -7.50
N3 ATP C . -14.99 -14.13 -4.56
C4 ATP C . -13.81 -16.59 -7.31
C4 ATP C . -14.37 -15.10 -5.24
H5'1 ATP C . -13.45 -19.59 -1.78
H5'1 ATP C . -12.99 -20.33 -1.42
H5'2 ATP C . -12.09 -18.95 -2.28
H5'2 ATP C . -11.88 -19.52 -2.22
H4' ATP C . -13.71 -17.22 -2.11
H4' ATP C . -13.44 -18.03 -1.13
H3' ATP C . -15.08 -19.03 -3.87
H3' ATP C . -15.25 -19.70 -2.29
H2' ATP C . -16.11 -17.11 -4.84
H2' ATP C . -15.25 -18.62 -4.33
HO2' ATP C . -16.36 -15.51 -3.42
HO2' ATP C . -16.59 -16.68 -3.88
H1' ATP C . -13.88 -15.70 -4.81
H1' ATP C . -14.63 -16.20 -2.86
H8 ATP C . -14.11 -19.25 -5.80
H8 ATP C . -13.13 -17.85 -5.80
HN61 ATP C . -13.58 -17.65 -11.48
HN61 ATP C . -13.32 -12.86 -8.69
HN62 ATP C . -13.58 -18.81 -10.56
HN62 ATP C . -13.81 -14.21 -9.07
H2 ATP C . -13.43 -14.07 -8.99
H2 ATP C . -15.50 -12.30 -4.88
MG MG D . -9.14 -20.77 -1.97
MG MG E . -9.90 -18.43 -4.80
#